data_3P17
#
_entry.id   3P17
#
_cell.length_a   70.000
_cell.length_b   71.400
_cell.length_c   72.500
_cell.angle_alpha   90.00
_cell.angle_beta   100.30
_cell.angle_gamma   90.00
#
_symmetry.space_group_name_H-M   'C 1 2 1'
#
loop_
_entity.id
_entity.type
_entity.pdbx_description
1 polymer 'thrombin light chain'
2 polymer 'thrombin heavy chain'
3 polymer 'Hirudin variant-2'
4 non-polymer 2-acetamido-2-deoxy-beta-D-glucopyranose
5 non-polymer D-phenylalanyl-N-(pyridin-3-ylmethyl)-L-prolinamide
6 non-polymer 'PHOSPHATE ION'
7 non-polymer 'SODIUM ION'
8 water water
#
loop_
_entity_poly.entity_id
_entity_poly.type
_entity_poly.pdbx_seq_one_letter_code
_entity_poly.pdbx_strand_id
1 'polypeptide(L)' TFGSGEADCGLRPLFEKKSLEDKTERELLESYIDGR L
2 'polypeptide(L)'
;IVEGSDAEIGMSPWQVMLFRKSPQELLCGASLISDRWVLTAAHCLLYPPWDKNFTENDLLVRIGKHSRTRYERNIEKISM
LEKIYIHPRYNWRENLDRDIALMKLKKPVAFSDYIHPVCLPDRETAASLLQAGYKGRVTGWGNLKETWTANVGKGQPSVL
QVVNLPIVERPVCKDSTRIRITDNMFCAGYKPDEGKRGDACEGDSGGPFVMKSPFNNRWYQMGIVSWGEGCDRDGKYGFY
THVFRLKKWIQKVIDQFGE
;
H
3 'polypeptide(L)' NGDFEEIPEE(TYS)L I
#
loop_
_chem_comp.id
_chem_comp.type
_chem_comp.name
_chem_comp.formula
99P peptide-like D-phenylalanyl-N-(pyridin-3-ylmethyl)-L-prolinamide 'C20 H24 N4 O2'
NA non-polymer 'SODIUM ION' 'Na 1'
NAG D-saccharide, beta linking 2-acetamido-2-deoxy-beta-D-glucopyranose 'C8 H15 N O6'
PO4 non-polymer 'PHOSPHATE ION' 'O4 P -3'
#
# COMPACT_ATOMS: atom_id res chain seq x y z
N ALA A 7 -8.65 -10.78 13.75
CA ALA A 7 -9.88 -10.88 14.55
C ALA A 7 -10.82 -9.74 14.14
N ASP A 8 -10.35 -8.56 14.50
CA ASP A 8 -10.94 -7.31 14.12
C ASP A 8 -10.33 -6.66 12.90
N CYS A 9 -9.48 -7.41 12.18
CA CYS A 9 -8.81 -6.77 11.05
C CYS A 9 -9.81 -6.22 10.05
N GLY A 10 -9.45 -5.15 9.36
CA GLY A 10 -10.23 -4.70 8.22
C GLY A 10 -11.53 -4.02 8.55
N LEU A 11 -11.79 -3.74 9.84
CA LEU A 11 -13.00 -3.05 10.29
C LEU A 11 -12.54 -1.73 10.88
N ARG A 12 -12.86 -0.64 10.16
CA ARG A 12 -12.25 0.64 10.58
C ARG A 12 -13.02 1.24 11.75
N PRO A 13 -12.34 1.71 12.77
CA PRO A 13 -13.04 2.34 13.91
C PRO A 13 -13.99 3.45 13.51
N LEU A 14 -13.66 4.27 12.55
CA LEU A 14 -14.49 5.40 12.22
C LEU A 14 -15.54 5.14 11.16
N PHE A 15 -15.54 3.92 10.64
CA PHE A 15 -16.47 3.56 9.57
C PHE A 15 -17.20 2.29 9.94
N GLU A 16 -16.68 1.10 9.58
CA GLU A 16 -17.42 -0.12 9.85
C GLU A 16 -17.80 -0.27 11.30
N LYS A 17 -16.93 0.13 12.23
CA LYS A 17 -17.27 -0.15 13.62
CA LYS A 17 -17.26 -0.16 13.64
C LYS A 17 -18.43 0.68 14.13
N LYS A 18 -18.72 1.77 13.40
CA LYS A 18 -19.83 2.62 13.81
C LYS A 18 -20.93 2.65 12.72
N SER A 19 -20.84 1.72 11.75
CA SER A 19 -21.82 1.60 10.68
C SER A 19 -21.93 2.94 9.92
N LEU A 20 -20.77 3.55 9.65
CA LEU A 20 -20.72 4.71 8.77
C LEU A 20 -20.00 4.31 7.47
N GLU A 21 -20.45 4.77 6.33
CA GLU A 21 -19.76 4.46 5.07
C GLU A 21 -18.91 5.62 4.62
N ASP A 22 -17.79 5.37 3.97
CA ASP A 22 -16.98 6.48 3.42
C ASP A 22 -17.60 6.89 2.08
N LYS A 23 -17.11 7.99 1.51
CA LYS A 23 -17.84 8.56 0.38
C LYS A 23 -17.68 7.78 -0.91
N THR A 24 -16.76 6.82 -1.02
CA THR A 24 -16.66 6.16 -2.35
C THR A 24 -16.62 4.64 -2.21
N GLU A 25 -16.81 4.08 -1.01
CA GLU A 25 -16.79 2.60 -0.96
C GLU A 25 -17.91 2.01 -1.79
N ARG A 26 -19.00 2.74 -1.98
CA ARG A 26 -20.08 2.14 -2.76
C ARG A 26 -19.63 1.87 -4.19
N GLU A 27 -18.72 2.69 -4.73
CA GLU A 27 -18.18 2.48 -6.08
C GLU A 27 -17.52 1.11 -6.19
N LEU A 28 -16.82 0.70 -5.12
CA LEU A 28 -16.23 -0.65 -5.09
C LEU A 28 -17.32 -1.69 -5.10
N LEU A 29 -18.29 -1.56 -4.22
CA LEU A 29 -19.34 -2.57 -4.15
C LEU A 29 -20.05 -2.74 -5.48
N GLU A 30 -20.35 -1.64 -6.12
CA GLU A 30 -21.08 -1.75 -7.38
C GLU A 30 -20.29 -2.46 -8.47
N SER A 31 -18.95 -2.48 -8.35
CA SER A 31 -18.13 -3.17 -9.35
C SER A 31 -18.07 -4.68 -9.07
N TYR A 32 -18.52 -5.10 -7.87
CA TYR A 32 -18.42 -6.54 -7.54
C TYR A 32 -19.65 -7.22 -8.07
N ILE A 33 -19.69 -7.49 -9.38
CA ILE A 33 -20.91 -7.86 -10.07
C ILE A 33 -21.05 -9.38 -10.18
N ILE B 1 -0.31 9.74 -5.81
CA ILE B 1 -1.58 9.37 -6.47
C ILE B 1 -1.99 10.46 -7.45
N VAL B 2 -2.18 10.05 -8.70
CA VAL B 2 -2.67 10.96 -9.74
C VAL B 2 -4.19 10.84 -9.87
N GLU B 3 -4.87 11.97 -9.95
CA GLU B 3 -6.30 12.03 -10.21
C GLU B 3 -7.09 11.31 -9.13
N GLY B 4 -6.55 11.33 -7.89
CA GLY B 4 -7.32 10.84 -6.74
C GLY B 4 -7.92 12.03 -6.00
N SER B 5 -8.29 11.78 -4.76
CA SER B 5 -8.87 12.79 -3.90
C SER B 5 -8.34 12.70 -2.47
N ASP B 6 -8.56 13.74 -1.65
CA ASP B 6 -8.13 13.67 -0.26
C ASP B 6 -8.81 12.54 0.47
N ALA B 7 -8.06 11.75 1.25
CA ALA B 7 -8.71 10.78 2.12
C ALA B 7 -9.60 11.42 3.17
N GLU B 8 -10.63 10.69 3.61
CA GLU B 8 -11.36 11.08 4.81
C GLU B 8 -10.53 10.74 6.05
N ILE B 9 -10.83 11.41 7.18
CA ILE B 9 -10.13 11.01 8.41
C ILE B 9 -10.44 9.57 8.79
N GLY B 10 -9.42 8.77 9.11
CA GLY B 10 -9.58 7.37 9.48
C GLY B 10 -10.02 6.47 8.33
N MET B 11 -9.95 6.87 7.06
CA MET B 11 -10.45 6.02 5.97
C MET B 11 -9.51 4.87 5.67
N SER B 12 -8.22 5.03 5.99
CA SER B 12 -7.19 4.04 5.70
CA SER B 12 -7.24 3.98 5.73
C SER B 12 -6.30 3.84 6.92
N PRO B 13 -6.85 3.31 8.01
CA PRO B 13 -6.09 3.36 9.28
C PRO B 13 -4.92 2.38 9.36
N TRP B 14 -4.83 1.53 8.34
CA TRP B 14 -3.68 0.65 8.16
C TRP B 14 -2.62 1.35 7.32
N GLN B 15 -2.77 2.57 6.83
CA GLN B 15 -1.74 3.22 6.05
C GLN B 15 -0.49 3.53 6.89
N VAL B 16 0.65 3.22 6.27
CA VAL B 16 1.91 3.46 6.97
C VAL B 16 2.79 4.30 6.06
N MET B 17 3.49 5.26 6.68
CA MET B 17 4.53 5.99 5.97
C MET B 17 5.91 5.47 6.38
N LEU B 18 6.71 5.07 5.41
CA LEU B 18 8.10 4.78 5.64
CA LEU B 18 8.13 4.74 5.57
C LEU B 18 8.89 6.07 5.50
N PHE B 19 9.65 6.40 6.54
CA PHE B 19 10.28 7.71 6.65
C PHE B 19 11.76 7.55 6.88
N ARG B 20 12.57 8.25 6.09
CA ARG B 20 14.02 8.27 6.24
CA ARG B 20 14.02 8.20 6.27
C ARG B 20 14.40 9.12 7.43
N LYS B 21 15.35 8.68 8.25
CA LYS B 21 15.74 9.39 9.45
C LYS B 21 16.59 10.62 9.14
N SER B 22 17.51 10.45 8.20
CA SER B 22 18.40 11.57 7.84
C SER B 22 18.82 11.44 6.38
N PRO B 23 18.47 12.33 5.47
CA PRO B 23 17.58 13.45 5.72
C PRO B 23 16.15 12.94 5.88
N GLN B 24 15.40 13.69 6.66
CA GLN B 24 14.02 13.34 7.01
C GLN B 24 13.19 13.48 5.73
N GLU B 25 12.70 12.39 5.19
CA GLU B 25 11.92 12.47 3.96
C GLU B 25 11.03 11.25 3.82
N LEU B 26 9.95 11.36 3.06
CA LEU B 26 9.12 10.19 2.76
CA LEU B 26 9.14 10.15 2.83
C LEU B 26 9.96 9.20 1.95
N LEU B 27 9.91 7.94 2.27
CA LEU B 27 10.53 6.94 1.41
C LEU B 27 9.52 6.13 0.64
N CYS B 28 8.43 5.77 1.28
CA CYS B 28 7.49 4.84 0.64
C CYS B 28 6.22 4.78 1.47
N GLY B 29 5.20 4.12 0.92
CA GLY B 29 4.05 3.69 1.70
C GLY B 29 4.28 2.26 2.19
N ALA B 30 3.30 1.79 2.97
CA ALA B 30 3.35 0.51 3.63
C ALA B 30 1.99 0.31 4.30
N SER B 31 1.81 -0.87 4.91
CA SER B 31 0.53 -1.14 5.58
C SER B 31 0.72 -1.93 6.88
N LEU B 32 -0.18 -1.66 7.80
CA LEU B 32 -0.20 -2.32 9.10
C LEU B 32 -1.04 -3.61 9.03
N ILE B 33 -0.40 -4.74 9.32
CA ILE B 33 -1.15 -6.00 9.24
C ILE B 33 -1.32 -6.67 10.60
N SER B 34 -0.70 -6.13 11.64
CA SER B 34 -0.89 -6.58 13.03
C SER B 34 -0.25 -5.51 13.93
N ASP B 35 -0.26 -5.71 15.26
CA ASP B 35 0.33 -4.64 16.07
C ASP B 35 1.85 -4.59 15.96
N ARG B 36 2.53 -5.56 15.36
CA ARG B 36 3.97 -5.61 15.27
C ARG B 36 4.48 -5.75 13.84
N TRP B 37 3.62 -5.92 12.83
CA TRP B 37 4.12 -6.23 11.50
C TRP B 37 3.59 -5.26 10.46
N VAL B 38 4.52 -4.83 9.60
CA VAL B 38 4.20 -3.85 8.53
C VAL B 38 4.63 -4.49 7.20
N LEU B 39 3.79 -4.39 6.19
CA LEU B 39 3.97 -4.94 4.85
C LEU B 39 4.34 -3.79 3.90
N THR B 40 5.33 -4.03 3.02
CA THR B 40 5.66 -3.03 2.02
C THR B 40 6.20 -3.73 0.77
N ALA B 41 6.64 -2.94 -0.19
CA ALA B 41 7.31 -3.45 -1.38
C ALA B 41 8.80 -3.63 -1.09
N ALA B 42 9.37 -4.72 -1.61
CA ALA B 42 10.81 -4.92 -1.45
C ALA B 42 11.61 -3.77 -2.04
N HIS B 43 11.16 -3.20 -3.19
CA HIS B 43 11.98 -2.16 -3.81
C HIS B 43 12.04 -0.89 -2.96
N CYS B 44 11.18 -0.77 -1.93
CA CYS B 44 11.28 0.33 -1.01
C CYS B 44 12.51 0.25 -0.13
N LEU B 45 13.00 -0.99 0.00
CA LEU B 45 14.13 -1.22 0.87
C LEU B 45 15.39 -1.61 0.15
N LEU B 46 15.24 -2.30 -0.99
CA LEU B 46 16.41 -2.86 -1.69
C LEU B 46 16.22 -2.66 -3.18
N TYR B 47 17.06 -1.84 -3.79
CA TYR B 47 16.97 -1.67 -5.24
C TYR B 47 18.36 -1.22 -5.71
N PRO B 48 19.26 -2.19 -5.88
CA PRO B 48 20.64 -1.89 -6.29
C PRO B 48 20.82 -1.03 -7.52
N PRO B 49 20.01 -1.10 -8.54
CA PRO B 49 20.25 -0.17 -9.67
C PRO B 49 20.27 1.29 -9.24
N TRP B 50 19.60 1.63 -8.13
CA TRP B 50 19.53 3.02 -7.64
C TRP B 50 20.36 3.18 -6.37
N ASP B 51 21.23 2.20 -6.08
CA ASP B 51 22.06 2.21 -4.88
C ASP B 51 21.24 2.28 -3.60
N LYS B 52 20.08 1.64 -3.63
CA LYS B 52 19.22 1.63 -2.43
C LYS B 52 19.34 0.29 -1.69
N ASN B 53 19.66 0.28 -0.55
CA ASN B 53 19.83 -0.82 0.38
C ASN B 53 19.72 -0.35 1.84
N PHE B 54 18.45 -0.21 2.32
CA PHE B 54 18.34 0.33 3.65
C PHE B 54 18.44 -0.70 4.76
N THR B 55 18.94 -0.29 5.91
CA THR B 55 19.02 -1.17 7.08
C THR B 55 18.01 -0.67 8.10
N GLU B 56 17.69 -1.48 9.09
CA GLU B 56 16.65 -1.16 10.06
C GLU B 56 16.87 0.23 10.65
N ASN B 57 18.12 0.51 11.01
CA ASN B 57 18.33 1.74 11.76
C ASN B 57 18.25 2.96 10.86
N ASP B 58 18.14 2.78 9.55
CA ASP B 58 18.02 3.94 8.68
C ASP B 58 16.60 4.53 8.64
N LEU B 59 15.64 3.80 9.14
CA LEU B 59 14.24 4.01 8.91
C LEU B 59 13.35 4.12 10.13
N LEU B 60 12.24 4.84 9.92
CA LEU B 60 11.16 4.84 10.89
C LEU B 60 9.83 4.49 10.18
N VAL B 61 8.85 4.02 10.92
CA VAL B 61 7.47 3.85 10.42
C VAL B 61 6.57 4.87 11.08
N ARG B 62 5.72 5.60 10.35
CA ARG B 62 4.81 6.59 10.93
C ARG B 62 3.38 6.11 10.62
N ILE B 63 2.63 5.86 11.69
CA ILE B 63 1.35 5.17 11.57
C ILE B 63 0.25 6.08 12.07
N GLY B 64 -0.93 6.07 11.50
CA GLY B 64 -2.02 6.93 11.92
C GLY B 64 -2.03 8.30 11.26
N LYS B 65 -1.23 8.49 10.18
CA LYS B 65 -1.08 9.81 9.59
C LYS B 65 -2.16 10.14 8.57
N HIS B 66 -2.27 11.46 8.40
CA HIS B 66 -3.18 12.01 7.41
C HIS B 66 -2.39 13.07 6.63
N SER B 67 -1.95 14.11 7.31
CA SER B 67 -1.04 15.08 6.71
C SER B 67 0.26 14.42 6.25
N ARG B 68 0.73 14.81 5.07
CA ARG B 68 2.01 14.26 4.56
C ARG B 68 3.16 14.79 5.40
N THR B 69 3.24 16.12 5.56
CA THR B 69 4.47 16.67 6.16
C THR B 69 4.36 17.03 7.64
N ARG B 70 3.15 17.18 8.19
CA ARG B 70 2.97 17.62 9.56
CA ARG B 70 3.19 17.69 9.57
C ARG B 70 3.37 16.56 10.59
N TYR B 71 3.88 16.91 11.77
CA TYR B 71 3.99 15.98 12.87
C TYR B 71 2.65 15.97 13.62
N GLU B 72 1.90 14.87 13.54
CA GLU B 72 0.49 14.87 13.92
C GLU B 72 0.37 14.39 15.36
N ARG B 73 0.75 15.37 16.19
CA ARG B 73 0.81 15.21 17.62
C ARG B 73 -0.48 14.61 18.18
N ASN B 74 -0.38 13.58 19.00
CA ASN B 74 -1.44 12.92 19.73
C ASN B 74 -2.27 12.02 18.80
N ILE B 75 -1.86 11.85 17.57
CA ILE B 75 -2.59 11.07 16.57
C ILE B 75 -1.67 10.05 15.92
N GLU B 76 -0.61 10.51 15.25
CA GLU B 76 0.30 9.52 14.65
C GLU B 76 1.19 8.92 15.74
N LYS B 77 1.71 7.74 15.39
CA LYS B 77 2.66 7.06 16.25
C LYS B 77 3.86 6.66 15.41
N ILE B 78 5.04 6.82 16.02
CA ILE B 78 6.27 6.57 15.26
C ILE B 78 7.00 5.41 15.87
N SER B 79 7.38 4.46 15.03
CA SER B 79 7.95 3.20 15.46
CA SER B 79 8.00 3.25 15.53
C SER B 79 9.30 2.92 14.81
N MET B 80 10.18 2.31 15.60
CA MET B 80 11.48 1.86 15.12
C MET B 80 11.36 0.42 14.62
N LEU B 81 12.29 0.06 13.74
CA LEU B 81 12.24 -1.31 13.23
CA LEU B 81 12.33 -1.27 13.17
C LEU B 81 13.24 -2.23 13.93
N GLU B 82 12.73 -3.41 14.26
CA GLU B 82 13.52 -4.51 14.79
C GLU B 82 14.19 -5.25 13.63
N LYS B 83 13.50 -5.59 12.56
CA LYS B 83 14.10 -6.39 11.50
C LYS B 83 13.30 -6.22 10.22
N ILE B 84 14.03 -6.19 9.11
CA ILE B 84 13.48 -6.24 7.76
C ILE B 84 13.59 -7.63 7.17
N TYR B 85 12.59 -8.14 6.48
CA TYR B 85 12.56 -9.40 5.77
C TYR B 85 12.15 -9.14 4.31
N ILE B 86 13.08 -9.43 3.41
CA ILE B 86 12.76 -9.31 2.00
C ILE B 86 12.52 -10.70 1.42
N HIS B 87 11.55 -10.83 0.49
CA HIS B 87 11.35 -12.12 -0.13
C HIS B 87 12.66 -12.66 -0.74
N PRO B 88 13.04 -13.90 -0.47
CA PRO B 88 14.33 -14.43 -0.93
C PRO B 88 14.44 -14.57 -2.43
N ARG B 89 13.29 -14.51 -3.11
CA ARG B 89 13.32 -14.59 -4.59
C ARG B 89 12.80 -13.31 -5.21
N TYR B 90 12.76 -12.18 -4.49
CA TYR B 90 12.54 -10.85 -5.09
C TYR B 90 13.51 -10.60 -6.23
N ASN B 91 12.93 -10.26 -7.38
CA ASN B 91 13.75 -10.09 -8.60
C ASN B 91 13.95 -8.62 -8.92
N TRP B 92 14.98 -8.01 -8.28
CA TRP B 92 15.25 -6.61 -8.56
C TRP B 92 16.04 -6.44 -9.88
N ARG B 93 16.59 -7.56 -10.35
CA ARG B 93 17.43 -7.42 -11.57
CA ARG B 93 17.43 -7.44 -11.58
C ARG B 93 16.61 -7.17 -12.81
N GLU B 94 15.39 -7.76 -12.86
CA GLU B 94 14.62 -7.70 -14.10
C GLU B 94 13.31 -6.96 -14.03
N ASN B 95 12.34 -7.50 -13.26
CA ASN B 95 10.96 -7.04 -13.41
C ASN B 95 10.24 -6.86 -12.09
N LEU B 96 10.95 -6.87 -10.97
CA LEU B 96 10.36 -6.71 -9.64
C LEU B 96 9.41 -7.84 -9.28
N ASP B 97 9.65 -9.03 -9.86
CA ASP B 97 8.87 -10.20 -9.43
C ASP B 97 9.02 -10.42 -7.93
N ARG B 98 7.89 -10.73 -7.25
CA ARG B 98 7.88 -11.01 -5.81
C ARG B 98 8.35 -9.78 -5.02
N ASP B 99 7.76 -8.65 -5.37
CA ASP B 99 8.12 -7.34 -4.77
C ASP B 99 7.39 -7.18 -3.45
N ILE B 100 7.95 -7.82 -2.40
CA ILE B 100 7.26 -7.82 -1.12
C ILE B 100 8.30 -7.91 0.00
N ALA B 101 8.05 -7.22 1.11
CA ALA B 101 8.90 -7.26 2.28
C ALA B 101 8.05 -7.04 3.52
N LEU B 102 8.55 -7.54 4.64
CA LEU B 102 7.96 -7.35 5.95
C LEU B 102 8.93 -6.60 6.86
N MET B 103 8.33 -5.81 7.74
CA MET B 103 9.10 -5.10 8.77
C MET B 103 8.49 -5.43 10.12
N LYS B 104 9.31 -5.91 11.05
CA LYS B 104 8.85 -6.14 12.42
C LYS B 104 9.21 -4.93 13.28
N LEU B 105 8.22 -4.46 14.03
CA LEU B 105 8.43 -3.31 14.89
C LEU B 105 9.12 -3.69 16.20
N LYS B 106 9.86 -2.75 16.77
CA LYS B 106 10.56 -3.05 18.01
C LYS B 106 9.55 -3.30 19.11
N LYS B 107 8.45 -2.58 19.06
CA LYS B 107 7.43 -2.66 20.11
C LYS B 107 6.06 -2.65 19.44
N PRO B 108 5.05 -3.23 20.05
CA PRO B 108 3.71 -3.18 19.43
C PRO B 108 3.14 -1.77 19.42
N VAL B 109 2.42 -1.45 18.33
CA VAL B 109 1.80 -0.12 18.24
C VAL B 109 0.40 -0.23 18.87
N ALA B 110 -0.04 0.84 19.52
CA ALA B 110 -1.37 0.89 20.11
C ALA B 110 -2.40 1.23 19.04
N PHE B 111 -3.45 0.42 18.95
CA PHE B 111 -4.50 0.69 17.95
C PHE B 111 -5.31 1.88 18.49
N SER B 112 -5.94 2.60 17.60
CA SER B 112 -6.76 3.77 17.95
C SER B 112 -7.81 4.03 16.87
N ASP B 113 -8.54 5.16 16.89
CA ASP B 113 -9.45 5.45 15.77
C ASP B 113 -8.71 5.59 14.43
N TYR B 114 -7.42 5.93 14.50
CA TYR B 114 -6.62 6.25 13.32
C TYR B 114 -5.63 5.15 12.93
N ILE B 115 -5.47 4.13 13.76
CA ILE B 115 -4.47 3.05 13.62
C ILE B 115 -5.15 1.71 13.82
N HIS B 116 -5.18 0.92 12.76
CA HIS B 116 -5.91 -0.36 12.82
C HIS B 116 -5.43 -1.22 11.68
N PRO B 117 -5.24 -2.53 11.85
CA PRO B 117 -4.70 -3.35 10.77
C PRO B 117 -5.73 -3.74 9.71
N VAL B 118 -5.19 -3.97 8.52
CA VAL B 118 -5.96 -4.51 7.39
C VAL B 118 -5.91 -6.02 7.38
N CYS B 119 -6.92 -6.69 6.80
CA CYS B 119 -6.79 -8.15 6.69
C CYS B 119 -5.97 -8.59 5.49
N LEU B 120 -5.36 -9.76 5.56
CA LEU B 120 -4.76 -10.39 4.37
C LEU B 120 -5.75 -11.43 3.85
N PRO B 121 -5.86 -11.53 2.52
CA PRO B 121 -6.84 -12.44 1.95
C PRO B 121 -6.50 -13.93 2.10
N ASP B 122 -7.54 -14.74 2.22
CA ASP B 122 -7.40 -16.19 2.09
C ASP B 122 -7.66 -16.53 0.61
N ARG B 123 -7.47 -17.80 0.27
CA ARG B 123 -7.60 -18.20 -1.11
C ARG B 123 -8.96 -17.88 -1.69
N GLU B 124 -10.00 -18.02 -0.86
CA GLU B 124 -11.34 -17.87 -1.41
C GLU B 124 -11.69 -16.41 -1.66
N THR B 125 -11.35 -15.50 -0.75
CA THR B 125 -11.64 -14.08 -0.98
CA THR B 125 -11.62 -14.08 -0.95
C THR B 125 -10.83 -13.62 -2.18
N ALA B 126 -9.59 -14.06 -2.32
CA ALA B 126 -8.79 -13.69 -3.50
C ALA B 126 -9.46 -14.18 -4.78
N ALA B 127 -9.89 -15.44 -4.78
CA ALA B 127 -10.47 -15.96 -6.02
C ALA B 127 -11.77 -15.19 -6.31
N SER B 128 -12.53 -14.87 -5.26
CA SER B 128 -13.79 -14.17 -5.54
CA SER B 128 -13.77 -14.12 -5.40
C SER B 128 -13.61 -12.73 -6.00
N LEU B 129 -12.63 -12.02 -5.44
CA LEU B 129 -12.52 -10.60 -5.71
C LEU B 129 -11.52 -10.18 -6.78
N LEU B 130 -10.51 -11.02 -7.04
CA LEU B 130 -9.47 -10.65 -8.00
C LEU B 130 -9.89 -11.01 -9.43
N GLN B 131 -10.82 -10.19 -9.91
CA GLN B 131 -11.50 -10.38 -11.20
C GLN B 131 -11.46 -9.09 -12.01
N ALA B 132 -11.24 -9.18 -13.30
CA ALA B 132 -11.20 -7.99 -14.14
C ALA B 132 -12.48 -7.18 -13.94
N GLY B 133 -12.30 -5.87 -13.78
CA GLY B 133 -13.48 -5.06 -13.62
C GLY B 133 -13.79 -4.73 -12.19
N TYR B 134 -13.41 -5.65 -11.28
CA TYR B 134 -13.65 -5.35 -9.86
C TYR B 134 -12.71 -4.26 -9.41
N LYS B 135 -13.17 -3.30 -8.60
CA LYS B 135 -12.32 -2.20 -8.21
C LYS B 135 -11.71 -2.40 -6.81
N GLY B 136 -10.48 -1.91 -6.68
CA GLY B 136 -9.82 -1.76 -5.40
C GLY B 136 -9.45 -0.29 -5.22
N ARG B 137 -8.80 -0.08 -4.08
CA ARG B 137 -8.50 1.29 -3.63
C ARG B 137 -7.02 1.38 -3.29
N VAL B 138 -6.39 2.42 -3.83
CA VAL B 138 -4.96 2.64 -3.54
CA VAL B 138 -4.97 2.69 -3.60
C VAL B 138 -4.82 4.01 -2.89
N THR B 139 -3.87 4.06 -1.94
CA THR B 139 -3.72 5.25 -1.12
C THR B 139 -2.25 5.60 -0.99
N GLY B 140 -1.97 6.91 -0.86
CA GLY B 140 -0.54 7.21 -0.68
C GLY B 140 -0.30 8.73 -0.67
N TRP B 141 0.95 9.04 -0.29
CA TRP B 141 1.40 10.42 -0.27
C TRP B 141 2.39 10.78 -1.38
N GLY B 142 2.42 9.93 -2.39
CA GLY B 142 3.32 10.11 -3.53
C GLY B 142 2.87 11.23 -4.45
N ASN B 143 3.57 11.43 -5.56
CA ASN B 143 3.38 12.56 -6.45
C ASN B 143 1.97 12.63 -7.00
N LEU B 144 1.51 13.86 -7.17
CA LEU B 144 0.23 14.07 -7.81
C LEU B 144 0.30 14.05 -9.34
N LYS B 145 1.52 14.13 -9.90
CA LYS B 145 1.61 14.15 -11.35
C LYS B 145 2.89 13.42 -11.75
N GLU B 146 2.97 12.87 -12.94
CA GLU B 146 4.18 12.21 -13.40
C GLU B 146 5.37 13.16 -13.43
N THR B 147 5.11 14.39 -13.89
CA THR B 147 6.18 15.37 -13.80
C THR B 147 5.56 16.76 -13.58
N GLY B 155 2.52 19.26 -7.25
CA GLY B 155 3.53 18.22 -7.15
C GLY B 155 3.26 17.19 -6.07
N GLN B 156 3.31 17.59 -4.78
CA GLN B 156 3.07 16.65 -3.68
C GLN B 156 1.84 17.07 -2.89
N PRO B 157 1.12 16.10 -2.38
CA PRO B 157 -0.13 16.41 -1.69
C PRO B 157 0.04 16.91 -0.27
N SER B 158 -0.94 17.70 0.19
CA SER B 158 -0.95 18.09 1.59
C SER B 158 -1.37 16.95 2.50
N VAL B 159 -2.30 16.10 2.09
CA VAL B 159 -2.79 15.01 2.91
C VAL B 159 -2.85 13.74 2.06
N LEU B 160 -3.03 12.59 2.72
CA LEU B 160 -3.18 11.29 2.06
C LEU B 160 -4.21 11.33 0.94
N GLN B 161 -3.87 10.72 -0.19
CA GLN B 161 -4.69 10.67 -1.38
C GLN B 161 -5.23 9.25 -1.56
N VAL B 162 -6.40 9.16 -2.19
CA VAL B 162 -7.09 7.90 -2.42
CA VAL B 162 -7.13 7.93 -2.41
C VAL B 162 -7.61 7.83 -3.85
N VAL B 163 -7.53 6.65 -4.45
CA VAL B 163 -8.17 6.50 -5.78
C VAL B 163 -8.65 5.05 -5.89
N ASN B 164 -9.83 4.91 -6.51
CA ASN B 164 -10.39 3.57 -6.77
C ASN B 164 -10.13 3.18 -8.22
N LEU B 165 -9.68 1.97 -8.47
CA LEU B 165 -9.24 1.57 -9.81
C LEU B 165 -9.67 0.13 -10.11
N PRO B 166 -10.13 -0.14 -11.33
CA PRO B 166 -10.53 -1.50 -11.67
C PRO B 166 -9.33 -2.39 -12.01
N ILE B 167 -9.40 -3.64 -11.57
CA ILE B 167 -8.46 -4.65 -12.02
C ILE B 167 -8.63 -4.90 -13.51
N VAL B 168 -7.50 -5.14 -14.18
CA VAL B 168 -7.53 -5.25 -15.65
C VAL B 168 -7.23 -6.69 -16.06
N GLU B 169 -7.84 -7.11 -17.17
CA GLU B 169 -7.63 -8.42 -17.72
C GLU B 169 -6.16 -8.71 -17.95
N ARG B 170 -5.65 -9.89 -17.61
CA ARG B 170 -4.21 -10.14 -17.75
CA ARG B 170 -4.20 -10.12 -17.75
C ARG B 170 -3.68 -9.97 -19.17
N PRO B 171 -4.36 -10.37 -20.23
CA PRO B 171 -3.80 -10.12 -21.57
C PRO B 171 -3.64 -8.62 -21.84
N VAL B 172 -4.52 -7.79 -21.32
CA VAL B 172 -4.40 -6.33 -21.57
C VAL B 172 -3.21 -5.81 -20.78
N CYS B 173 -3.05 -6.27 -19.51
CA CYS B 173 -1.85 -5.94 -18.76
C CYS B 173 -0.57 -6.27 -19.57
N LYS B 174 -0.51 -7.52 -20.02
CA LYS B 174 0.68 -7.98 -20.75
C LYS B 174 0.96 -7.15 -22.01
N ASP B 175 -0.11 -6.83 -22.73
CA ASP B 175 -0.01 -6.13 -24.02
C ASP B 175 0.27 -4.65 -23.88
N SER B 176 0.29 -4.16 -22.64
CA SER B 176 0.50 -2.73 -22.41
C SER B 176 1.98 -2.41 -22.19
N THR B 177 2.83 -3.42 -22.12
CA THR B 177 4.19 -3.20 -21.68
C THR B 177 5.15 -4.22 -22.32
N ARG B 178 6.43 -3.84 -22.34
CA ARG B 178 7.45 -4.78 -22.81
C ARG B 178 8.08 -5.55 -21.64
N ILE B 179 7.82 -5.14 -20.41
CA ILE B 179 8.32 -5.88 -19.24
C ILE B 179 7.61 -7.21 -19.11
N ARG B 180 8.35 -8.24 -18.67
CA ARG B 180 7.72 -9.54 -18.50
C ARG B 180 6.89 -9.55 -17.22
N ILE B 181 5.58 -9.84 -17.40
CA ILE B 181 4.67 -9.92 -16.28
CA ILE B 181 4.80 -9.89 -16.17
C ILE B 181 4.67 -11.33 -15.69
N THR B 182 4.39 -11.50 -14.40
CA THR B 182 4.29 -12.82 -13.83
C THR B 182 2.99 -12.95 -13.05
N ASP B 183 2.71 -14.21 -12.66
CA ASP B 183 1.53 -14.48 -11.84
C ASP B 183 1.60 -13.85 -10.46
N ASN B 184 2.79 -13.39 -10.05
CA ASN B 184 2.92 -12.68 -8.76
C ASN B 184 2.57 -11.20 -8.86
N MET B 185 1.98 -10.77 -9.98
CA MET B 185 1.58 -9.39 -10.25
C MET B 185 0.16 -9.35 -10.80
N PHE B 186 -0.49 -8.21 -10.55
CA PHE B 186 -1.70 -7.93 -11.31
C PHE B 186 -1.64 -6.44 -11.68
N CYS B 187 -2.47 -6.04 -12.65
CA CYS B 187 -2.47 -4.60 -12.98
C CYS B 187 -3.90 -4.06 -12.82
N ALA B 188 -3.96 -2.72 -12.68
CA ALA B 188 -5.23 -2.03 -12.43
C ALA B 188 -5.21 -0.63 -13.05
N GLY B 189 -6.38 -0.13 -13.41
CA GLY B 189 -6.44 1.21 -13.97
C GLY B 189 -7.50 1.25 -15.05
N TYR B 190 -7.92 2.47 -15.42
CA TYR B 190 -8.92 2.57 -16.48
C TYR B 190 -8.28 2.51 -17.86
N LYS B 191 -9.06 2.04 -18.83
CA LYS B 191 -8.59 2.07 -20.20
C LYS B 191 -8.87 3.44 -20.80
N PRO B 192 -8.16 3.79 -21.87
CA PRO B 192 -8.34 5.10 -22.48
C PRO B 192 -9.78 5.38 -22.85
N ASP B 193 -10.51 4.35 -23.28
CA ASP B 193 -11.90 4.52 -23.68
C ASP B 193 -12.82 4.57 -22.46
N GLU B 194 -12.31 4.51 -21.23
CA GLU B 194 -13.21 4.44 -20.09
C GLU B 194 -13.59 5.78 -19.49
N GLY B 195 -12.97 6.87 -19.96
CA GLY B 195 -13.34 8.20 -19.49
C GLY B 195 -12.65 8.58 -18.20
N LYS B 196 -12.63 7.75 -17.17
CA LYS B 196 -12.08 8.04 -15.86
C LYS B 196 -10.60 7.72 -15.79
N ARG B 197 -9.85 8.30 -14.84
CA ARG B 197 -8.43 7.99 -14.83
C ARG B 197 -7.94 7.85 -13.39
N GLY B 198 -6.64 7.79 -13.15
CA GLY B 198 -6.11 7.64 -11.81
C GLY B 198 -4.98 6.65 -11.80
N ASP B 199 -4.00 6.83 -10.93
CA ASP B 199 -2.90 5.87 -10.86
C ASP B 199 -2.12 6.14 -9.58
N ALA B 200 -1.34 5.16 -9.20
CA ALA B 200 -0.27 5.43 -8.24
C ALA B 200 0.86 6.11 -9.00
N CYS B 201 1.80 6.67 -8.23
CA CYS B 201 2.97 7.27 -8.83
C CYS B 201 4.15 7.16 -7.87
N GLU B 202 5.28 7.75 -8.25
CA GLU B 202 6.44 7.72 -7.37
CA GLU B 202 6.45 7.85 -7.41
C GLU B 202 6.08 8.26 -5.99
N GLY B 203 6.56 7.54 -4.95
CA GLY B 203 6.28 7.82 -3.56
C GLY B 203 5.11 7.02 -3.01
N ASP B 204 4.28 6.44 -3.88
CA ASP B 204 3.17 5.57 -3.44
C ASP B 204 3.62 4.12 -3.28
N SER B 205 4.78 3.79 -3.85
CA SER B 205 5.46 2.51 -3.69
C SER B 205 5.24 1.89 -2.32
N GLY B 206 4.90 0.60 -2.29
CA GLY B 206 4.79 -0.11 -1.02
C GLY B 206 3.43 0.05 -0.36
N GLY B 207 2.58 0.98 -0.81
CA GLY B 207 1.27 1.15 -0.18
C GLY B 207 0.31 0.10 -0.67
N PRO B 208 -0.86 0.05 0.02
CA PRO B 208 -1.80 -1.03 -0.23
C PRO B 208 -2.83 -0.75 -1.32
N PHE B 209 -3.17 -1.85 -2.03
CA PHE B 209 -4.35 -1.92 -2.89
C PHE B 209 -5.37 -2.77 -2.10
N VAL B 210 -6.47 -2.14 -1.69
CA VAL B 210 -7.44 -2.86 -0.82
C VAL B 210 -8.80 -2.98 -1.48
N MET B 211 -9.55 -4.01 -1.04
CA MET B 211 -10.90 -4.28 -1.54
C MET B 211 -11.76 -4.58 -0.32
N LYS B 212 -13.02 -4.14 -0.38
CA LYS B 212 -13.90 -4.37 0.78
C LYS B 212 -14.75 -5.58 0.43
N SER B 213 -14.55 -6.67 1.14
CA SER B 213 -15.29 -7.88 0.77
C SER B 213 -16.80 -7.66 0.95
N PRO B 214 -17.62 -7.99 -0.06
CA PRO B 214 -19.08 -7.85 0.12
C PRO B 214 -19.68 -8.99 0.91
N PHE B 215 -18.82 -9.99 1.22
CA PHE B 215 -19.30 -11.13 1.98
C PHE B 215 -19.29 -10.90 3.48
N ASN B 216 -18.19 -10.26 3.95
CA ASN B 216 -18.12 -10.03 5.39
C ASN B 216 -17.83 -8.56 5.76
N ASN B 217 -17.83 -7.68 4.78
CA ASN B 217 -17.69 -6.22 4.95
C ASN B 217 -16.40 -5.82 5.66
N ARG B 218 -15.36 -6.61 5.41
CA ARG B 218 -14.05 -6.26 5.90
C ARG B 218 -13.10 -5.90 4.73
N TRP B 219 -12.16 -5.02 4.99
CA TRP B 219 -11.12 -4.66 4.01
C TRP B 219 -9.96 -5.65 4.04
N TYR B 220 -9.62 -6.03 2.80
CA TYR B 220 -8.51 -6.94 2.55
C TYR B 220 -7.44 -6.29 1.68
N GLN B 221 -6.17 -6.54 2.01
CA GLN B 221 -5.12 -6.01 1.12
C GLN B 221 -4.75 -7.05 0.04
N MET B 222 -5.16 -6.73 -1.20
CA MET B 222 -4.95 -7.67 -2.29
C MET B 222 -3.64 -7.38 -3.00
N GLY B 223 -3.17 -6.12 -2.97
CA GLY B 223 -1.95 -5.80 -3.73
C GLY B 223 -1.10 -4.81 -2.98
N ILE B 224 0.11 -4.63 -3.51
CA ILE B 224 1.10 -3.67 -3.03
C ILE B 224 1.55 -2.85 -4.25
N VAL B 225 1.54 -1.53 -4.11
CA VAL B 225 2.05 -0.67 -5.20
C VAL B 225 3.48 -1.08 -5.58
N SER B 226 3.65 -1.56 -6.81
CA SER B 226 4.95 -2.07 -7.21
C SER B 226 5.59 -1.26 -8.34
N TRP B 227 4.94 -1.18 -9.52
CA TRP B 227 5.65 -0.48 -10.60
C TRP B 227 4.66 0.00 -11.66
N GLY B 228 5.19 0.94 -12.45
CA GLY B 228 4.40 1.48 -13.57
C GLY B 228 5.39 2.18 -14.48
N GLU B 229 4.96 2.47 -15.69
CA GLU B 229 5.84 3.16 -16.65
C GLU B 229 5.19 4.53 -16.85
N GLY B 230 5.72 5.50 -16.11
CA GLY B 230 5.05 6.79 -15.98
C GLY B 230 3.91 6.69 -14.98
N CYS B 231 3.09 7.72 -14.87
CA CYS B 231 1.95 7.72 -13.98
C CYS B 231 0.73 8.19 -14.77
N ASP B 232 -0.37 7.43 -14.68
CA ASP B 232 -1.63 7.77 -15.32
C ASP B 232 -1.49 8.03 -16.82
N ARG B 233 -0.61 7.27 -17.48
CA ARG B 233 -0.50 7.42 -18.92
C ARG B 233 -1.61 6.64 -19.62
N ASP B 234 -2.21 7.20 -20.67
CA ASP B 234 -3.19 6.43 -21.45
C ASP B 234 -2.55 5.16 -22.02
N GLY B 235 -3.25 4.04 -21.80
CA GLY B 235 -2.87 2.74 -22.32
C GLY B 235 -1.82 2.05 -21.46
N LYS B 236 -1.44 2.63 -20.34
CA LYS B 236 -0.54 2.00 -19.38
C LYS B 236 -1.36 1.75 -18.11
N TYR B 237 -0.86 0.81 -17.30
CA TYR B 237 -1.57 0.35 -16.12
C TYR B 237 -0.56 0.28 -14.97
N GLY B 238 -1.10 0.45 -13.74
CA GLY B 238 -0.25 0.24 -12.58
C GLY B 238 -0.13 -1.23 -12.24
N PHE B 239 1.06 -1.67 -11.82
CA PHE B 239 1.28 -3.07 -11.45
C PHE B 239 1.47 -3.18 -9.94
N TYR B 240 0.85 -4.22 -9.40
CA TYR B 240 0.72 -4.49 -7.98
C TYR B 240 1.22 -5.90 -7.67
N THR B 241 1.96 -6.01 -6.55
CA THR B 241 2.31 -7.34 -6.03
C THR B 241 1.06 -8.09 -5.61
N HIS B 242 0.96 -9.35 -6.02
CA HIS B 242 -0.21 -10.20 -5.69
C HIS B 242 -0.03 -10.78 -4.31
N VAL B 243 -0.62 -10.13 -3.31
CA VAL B 243 -0.35 -10.53 -1.92
C VAL B 243 -0.73 -11.98 -1.66
N PHE B 244 -1.90 -12.42 -2.13
CA PHE B 244 -2.29 -13.79 -1.82
C PHE B 244 -1.28 -14.77 -2.39
N ARG B 245 -0.76 -14.55 -3.61
CA ARG B 245 0.18 -15.52 -4.16
C ARG B 245 1.44 -15.67 -3.30
N LEU B 246 1.79 -14.66 -2.51
CA LEU B 246 3.01 -14.66 -1.70
C LEU B 246 2.71 -14.85 -0.21
N LYS B 247 1.47 -15.23 0.11
CA LYS B 247 1.08 -15.28 1.51
C LYS B 247 1.77 -16.39 2.28
N LYS B 248 2.09 -17.48 1.58
CA LYS B 248 2.78 -18.55 2.34
C LYS B 248 4.12 -18.06 2.87
N TRP B 249 4.75 -17.17 2.12
CA TRP B 249 6.01 -16.58 2.59
C TRP B 249 5.76 -15.65 3.79
N ILE B 250 4.71 -14.83 3.64
CA ILE B 250 4.36 -13.94 4.76
C ILE B 250 4.16 -14.70 6.05
N GLN B 251 3.37 -15.77 5.94
CA GLN B 251 3.05 -16.58 7.11
C GLN B 251 4.27 -17.27 7.70
N LYS B 252 5.10 -17.76 6.78
CA LYS B 252 6.32 -18.43 7.21
C LYS B 252 7.15 -17.46 8.03
N VAL B 253 7.30 -16.23 7.52
CA VAL B 253 8.12 -15.27 8.26
C VAL B 253 7.50 -14.98 9.62
N ILE B 254 6.21 -14.68 9.62
CA ILE B 254 5.63 -14.29 10.90
C ILE B 254 5.62 -15.48 11.85
N ASP B 255 5.41 -16.70 11.32
CA ASP B 255 5.38 -17.84 12.20
C ASP B 255 6.76 -18.13 12.79
N GLN B 256 7.77 -17.85 11.98
CA GLN B 256 9.18 -18.08 12.36
C GLN B 256 9.67 -17.03 13.32
N PHE B 257 9.31 -15.78 13.09
CA PHE B 257 10.01 -14.69 13.77
C PHE B 257 9.13 -13.89 14.71
N GLY B 258 7.88 -14.31 14.90
CA GLY B 258 7.05 -13.76 15.95
C GLY B 258 6.05 -12.73 15.46
N ASP C 3 11.00 20.19 3.98
CA ASP C 3 9.55 20.21 3.76
C ASP C 3 8.77 19.54 4.90
N PHE C 4 9.39 18.62 5.62
CA PHE C 4 8.74 17.90 6.72
C PHE C 4 8.93 18.63 8.05
N GLU C 5 7.84 18.69 8.84
CA GLU C 5 7.94 19.19 10.20
C GLU C 5 8.86 18.27 10.98
N GLU C 6 9.74 18.83 11.82
CA GLU C 6 10.67 17.90 12.49
C GLU C 6 9.94 17.00 13.46
N ILE C 7 10.40 15.78 13.71
CA ILE C 7 9.71 14.91 14.65
C ILE C 7 10.43 14.88 16.00
N PRO C 8 9.78 14.46 17.07
CA PRO C 8 10.44 14.40 18.39
C PRO C 8 11.74 13.61 18.39
N GLU C 9 12.68 14.18 19.14
CA GLU C 9 14.07 13.75 19.13
C GLU C 9 14.18 12.30 19.60
N GLU C 10 13.25 11.98 20.48
CA GLU C 10 13.08 10.63 20.99
C GLU C 10 13.13 9.64 19.84
N TYS C 11 12.39 9.95 18.78
CA TYS C 11 12.37 8.93 17.68
CB TYS C 11 11.22 9.31 16.72
CG TYS C 11 9.94 9.35 17.53
CD1 TYS C 11 9.47 8.22 18.26
CD2 TYS C 11 9.24 10.56 17.56
CE1 TYS C 11 8.25 8.35 18.92
CE2 TYS C 11 8.04 10.70 18.27
CZ TYS C 11 7.52 9.57 18.98
OH TYS C 11 6.36 9.69 19.68
S TYS C 11 5.02 9.32 18.99
O1 TYS C 11 4.99 7.81 18.81
O2 TYS C 11 4.12 9.62 20.06
O3 TYS C 11 5.00 10.03 17.73
C TYS C 11 13.64 8.79 16.86
O TYS C 11 13.77 7.79 16.18
N LEU C 12 14.55 9.74 16.99
CA LEU C 12 15.77 9.73 16.19
C LEU C 12 16.95 9.23 17.02
C1 NAG D . 22.28 -5.16 0.86
C2 NAG D . 23.31 -5.83 -0.02
C3 NAG D . 23.67 -7.13 0.71
C4 NAG D . 23.99 -6.93 2.17
C5 NAG D . 23.02 -6.04 2.88
C6 NAG D . 23.64 -5.60 4.18
C7 NAG D . 21.97 -7.01 -1.70
C8 NAG D . 21.27 -7.40 -0.46
N2 NAG D . 22.95 -6.22 -1.40
O3 NAG D . 24.90 -7.58 0.20
O4 NAG D . 24.05 -8.14 2.92
O5 NAG D . 22.94 -4.91 2.09
O6 NAG D . 24.31 -4.42 3.86
O7 NAG D . 21.63 -7.39 -2.85
N4 99P E . 9.34 2.82 -13.94
C3 99P E . 9.92 1.55 -13.38
C5 99P E . 9.33 1.37 -11.98
O7 99P E . 8.10 1.39 -11.82
C2 99P E . 9.58 0.37 -14.30
C1 99P E . 10.35 -0.88 -13.88
C8 99P E . 11.75 -0.91 -13.88
C12 99P E . 9.64 -2.03 -13.50
C9 99P E . 12.41 -2.07 -13.50
C11 99P E . 10.29 -3.18 -13.11
C10 99P E . 11.68 -3.21 -13.11
N6 99P E . 10.22 1.16 -10.95
C13 99P E . 9.72 0.94 -9.59
C14 99P E . 8.82 2.15 -9.23
O15 99P E . 9.24 3.32 -9.39
C19 99P E . 10.98 0.94 -8.71
C20 99P E . 12.03 0.44 -9.67
C21 99P E . 11.71 1.12 -11.01
N16 99P E . 7.64 1.89 -8.60
C17 99P E . 6.77 2.96 -8.12
C18 99P E . 5.87 3.41 -9.22
C22 99P E . 4.51 3.09 -9.22
N23 99P E . 3.65 3.48 -10.19
C24 99P E . 4.15 4.22 -11.22
C25 99P E . 5.48 4.58 -11.28
C26 99P E . 6.33 4.16 -10.27
P PO4 F . 4.31 -18.30 -19.19
O1 PO4 F . 5.51 -19.25 -19.45
O2 PO4 F . 3.10 -19.10 -19.80
O3 PO4 F . 4.50 -16.97 -19.93
O4 PO4 F . 3.96 -18.08 -17.71
NA NA G . 3.92 -7.14 -23.86
NA NA H . -3.24 4.52 -17.53
#